data_2JFO
#
_entry.id   2JFO
#
_cell.length_a   60.290
_cell.length_b   82.080
_cell.length_c   111.570
_cell.angle_alpha   90.00
_cell.angle_beta   90.00
_cell.angle_gamma   90.00
#
_symmetry.space_group_name_H-M   'P 21 21 21'
#
loop_
_entity.id
_entity.type
_entity.pdbx_description
1 polymer 'GLUTAMATE RACEMASE'
2 non-polymer 'GLUTAMIC ACID'
3 non-polymer 'D-GLUTAMIC ACID'
4 water water
#
_entity_poly.entity_id   1
_entity_poly.type   'polypeptide(L)'
_entity_poly.pdbx_seq_one_letter_code
;MGSSHHHHHHSSGLVPRGSHMSNQEAIGLIDSGVGGLTVLKEALKQLPNERLIYLGDTARCPYGPRPAEQVVQFTWEMAD
FLLKKRIKMLVIACNTATAVALEEIKAALPIPVVGVILPGARAAVKVTKNNKIGVIGTLGTIKSASYEIAIKSKAPAIEV
TSLACPKFVPIVESNQYRSSVAKKIVAETLQALQLKGLDTLILGCTHYPLLRPVIQNVMGSHVTLIDSGAETVGEVSMLL
DYFDIAHTPEAPTQPHEFYTTGSAKMFEEIASSWLGIENLKAQQIHLGGNEND
;
_entity_poly.pdbx_strand_id   A,B
#
# COMPACT_ATOMS: atom_id res chain seq x y z
N SER A 22 -18.67 -3.50 -14.82
CA SER A 22 -18.05 -2.45 -13.96
C SER A 22 -16.64 -2.85 -13.51
N ASN A 23 -16.52 -3.95 -12.77
CA ASN A 23 -15.23 -4.42 -12.31
C ASN A 23 -14.35 -4.95 -13.42
N GLN A 24 -14.98 -5.40 -14.50
CA GLN A 24 -14.20 -5.94 -15.62
C GLN A 24 -13.70 -4.82 -16.54
N GLU A 25 -14.09 -3.58 -16.21
CA GLU A 25 -13.65 -2.43 -17.00
C GLU A 25 -12.14 -2.27 -16.79
N ALA A 26 -11.48 -1.62 -17.75
CA ALA A 26 -10.04 -1.43 -17.67
C ALA A 26 -9.57 -0.30 -16.76
N ILE A 27 -8.26 -0.30 -16.50
CA ILE A 27 -7.63 0.74 -15.70
C ILE A 27 -6.90 1.62 -16.72
N GLY A 28 -7.11 2.92 -16.66
CA GLY A 28 -6.46 3.80 -17.60
C GLY A 28 -5.22 4.50 -17.07
N LEU A 29 -4.19 4.56 -17.90
CA LEU A 29 -2.93 5.22 -17.51
C LEU A 29 -2.54 6.35 -18.47
N ILE A 30 -2.45 7.57 -17.95
CA ILE A 30 -2.06 8.70 -18.79
C ILE A 30 -0.68 9.25 -18.43
N ASP A 31 -0.04 9.85 -19.43
CA ASP A 31 1.28 10.43 -19.30
C ASP A 31 1.56 11.27 -20.55
N SER A 32 2.65 12.03 -20.50
CA SER A 32 3.03 12.90 -21.62
C SER A 32 3.69 12.13 -22.77
N GLY A 33 4.14 10.92 -22.51
CA GLY A 33 4.80 10.15 -23.55
C GLY A 33 5.04 8.71 -23.14
N VAL A 34 6.29 8.28 -23.11
CA VAL A 34 6.60 6.90 -22.74
C VAL A 34 6.84 6.71 -21.24
N GLY A 35 6.96 7.81 -20.50
CA GLY A 35 7.19 7.72 -19.07
C GLY A 35 6.18 6.83 -18.37
N GLY A 36 4.92 6.94 -18.76
CA GLY A 36 3.86 6.16 -18.13
C GLY A 36 4.14 4.66 -18.10
N LEU A 37 4.96 4.20 -19.04
CA LEU A 37 5.31 2.79 -19.15
C LEU A 37 6.13 2.22 -17.99
N THR A 38 6.69 3.09 -17.15
CA THR A 38 7.45 2.57 -16.02
C THR A 38 6.45 2.07 -15.00
N VAL A 39 5.28 2.71 -14.98
CA VAL A 39 4.21 2.30 -14.07
C VAL A 39 3.48 1.10 -14.66
N LEU A 40 3.19 1.17 -15.96
CA LEU A 40 2.49 0.09 -16.64
C LEU A 40 3.24 -1.23 -16.55
N LYS A 41 4.55 -1.19 -16.75
CA LYS A 41 5.35 -2.39 -16.68
C LYS A 41 5.13 -3.08 -15.34
N GLU A 42 5.18 -2.29 -14.27
CA GLU A 42 5.00 -2.81 -12.93
C GLU A 42 3.57 -3.32 -12.70
N ALA A 43 2.61 -2.73 -13.41
CA ALA A 43 1.22 -3.17 -13.28
C ALA A 43 1.01 -4.53 -13.96
N LEU A 44 1.73 -4.78 -15.05
CA LEU A 44 1.63 -6.07 -15.75
C LEU A 44 2.15 -7.18 -14.84
N LYS A 45 3.21 -6.87 -14.10
CA LYS A 45 3.82 -7.83 -13.19
C LYS A 45 3.01 -8.08 -11.91
N GLN A 46 2.44 -7.02 -11.33
CA GLN A 46 1.67 -7.16 -10.10
C GLN A 46 0.17 -7.39 -10.28
N LEU A 47 -0.38 -6.87 -11.36
CA LEU A 47 -1.81 -6.99 -11.64
C LEU A 47 -2.03 -7.63 -13.00
N PRO A 48 -1.54 -8.87 -13.17
CA PRO A 48 -1.68 -9.59 -14.44
C PRO A 48 -3.09 -9.71 -15.01
N ASN A 49 -4.08 -9.79 -14.14
CA ASN A 49 -5.47 -9.94 -14.58
C ASN A 49 -6.22 -8.63 -14.80
N GLU A 50 -5.52 -7.51 -14.76
CA GLU A 50 -6.15 -6.23 -14.97
C GLU A 50 -5.95 -5.72 -16.39
N ARG A 51 -7.04 -5.29 -17.01
CA ARG A 51 -6.98 -4.77 -18.37
C ARG A 51 -6.55 -3.32 -18.30
N LEU A 52 -5.57 -2.97 -19.12
CA LEU A 52 -5.05 -1.60 -19.12
C LEU A 52 -5.23 -0.89 -20.44
N ILE A 53 -5.38 0.42 -20.35
CA ILE A 53 -5.52 1.30 -21.51
C ILE A 53 -4.59 2.50 -21.24
N TYR A 54 -3.52 2.58 -22.01
CA TYR A 54 -2.51 3.62 -21.87
C TYR A 54 -2.69 4.74 -22.90
N LEU A 55 -2.32 5.95 -22.51
CA LEU A 55 -2.41 7.12 -23.39
C LEU A 55 -1.20 8.04 -23.16
N GLY A 56 -0.38 8.22 -24.20
CA GLY A 56 0.79 9.07 -24.07
C GLY A 56 0.71 10.23 -25.05
N ASP A 57 0.66 11.44 -24.52
CA ASP A 57 0.56 12.65 -25.34
C ASP A 57 1.90 13.08 -25.95
N THR A 58 2.52 12.14 -26.66
CA THR A 58 3.82 12.33 -27.33
C THR A 58 3.91 13.58 -28.20
N ALA A 59 2.76 14.09 -28.64
CA ALA A 59 2.74 15.26 -29.50
C ALA A 59 3.07 16.55 -28.75
N ARG A 60 2.54 16.68 -27.54
CA ARG A 60 2.70 17.90 -26.75
C ARG A 60 3.88 17.78 -25.79
N CYS A 61 4.48 16.60 -25.73
CA CYS A 61 5.62 16.36 -24.86
C CYS A 61 6.85 17.12 -25.35
N PRO A 62 7.42 17.93 -24.48
CA PRO A 62 7.44 17.64 -23.04
C PRO A 62 6.51 18.58 -22.25
N TYR A 63 5.98 18.08 -21.15
CA TYR A 63 5.16 18.91 -20.27
C TYR A 63 6.01 19.80 -19.38
N GLY A 64 7.11 19.24 -18.86
CA GLY A 64 7.61 19.60 -17.56
C GLY A 64 7.78 21.09 -17.40
N PRO A 65 7.94 21.79 -18.52
CA PRO A 65 8.18 23.24 -18.51
C PRO A 65 6.90 24.02 -18.77
N ARG A 66 6.04 23.48 -19.64
CA ARG A 66 4.73 24.07 -19.88
C ARG A 66 4.14 24.65 -18.60
N PRO A 67 3.34 25.70 -18.75
CA PRO A 67 2.67 26.33 -17.62
C PRO A 67 1.70 25.37 -16.94
N ALA A 68 1.63 25.43 -15.61
CA ALA A 68 0.77 24.53 -14.84
C ALA A 68 -0.63 24.44 -15.45
N GLU A 69 -1.26 25.60 -15.62
CA GLU A 69 -2.60 25.65 -16.17
C GLU A 69 -2.73 24.85 -17.48
N GLN A 70 -1.71 24.92 -18.33
CA GLN A 70 -1.76 24.20 -19.60
C GLN A 70 -1.72 22.69 -19.30
N VAL A 71 -0.83 22.30 -18.39
CA VAL A 71 -0.69 20.91 -18.02
C VAL A 71 -2.02 20.39 -17.45
N VAL A 72 -2.67 21.19 -16.60
CA VAL A 72 -3.95 20.78 -16.04
C VAL A 72 -4.92 20.53 -17.19
N GLN A 73 -4.87 21.41 -18.18
CA GLN A 73 -5.73 21.28 -19.35
C GLN A 73 -5.44 19.99 -20.10
N PHE A 74 -4.22 19.87 -20.60
CA PHE A 74 -3.84 18.68 -21.36
C PHE A 74 -4.22 17.39 -20.63
N THR A 75 -3.95 17.35 -19.33
CA THR A 75 -4.25 16.18 -18.53
C THR A 75 -5.75 15.86 -18.58
N TRP A 76 -6.59 16.87 -18.38
CA TRP A 76 -8.03 16.66 -18.43
C TRP A 76 -8.41 16.08 -19.78
N GLU A 77 -7.72 16.50 -20.82
CA GLU A 77 -8.00 16.02 -22.16
C GLU A 77 -7.73 14.53 -22.24
N MET A 78 -6.62 14.10 -21.66
CA MET A 78 -6.28 12.69 -21.68
C MET A 78 -7.30 11.93 -20.83
N ALA A 79 -7.78 12.56 -19.77
CA ALA A 79 -8.76 11.92 -18.90
C ALA A 79 -10.04 11.66 -19.67
N ASP A 80 -10.62 12.72 -20.23
CA ASP A 80 -11.84 12.61 -20.99
C ASP A 80 -11.73 11.56 -22.10
N PHE A 81 -10.56 11.47 -22.73
CA PHE A 81 -10.37 10.47 -23.79
C PHE A 81 -10.53 9.07 -23.24
N LEU A 82 -10.06 8.83 -22.02
CA LEU A 82 -10.17 7.51 -21.41
C LEU A 82 -11.53 7.26 -20.78
N LEU A 83 -12.14 8.33 -20.27
CA LEU A 83 -13.44 8.20 -19.65
C LEU A 83 -14.46 7.66 -20.66
N LYS A 84 -14.34 8.09 -21.92
CA LYS A 84 -15.24 7.65 -22.99
C LYS A 84 -15.07 6.15 -23.23
N LYS A 85 -13.92 5.62 -22.81
CA LYS A 85 -13.64 4.20 -22.95
C LYS A 85 -14.05 3.45 -21.67
N ARG A 86 -14.79 4.14 -20.82
CA ARG A 86 -15.31 3.56 -19.56
C ARG A 86 -14.32 2.91 -18.58
N ILE A 87 -13.23 3.60 -18.24
CA ILE A 87 -12.25 3.07 -17.30
C ILE A 87 -12.80 3.11 -15.87
N LYS A 88 -12.38 2.15 -15.04
CA LYS A 88 -12.85 2.08 -13.66
C LYS A 88 -11.91 2.78 -12.68
N MET A 89 -10.69 3.05 -13.14
CA MET A 89 -9.70 3.71 -12.31
C MET A 89 -8.76 4.51 -13.22
N LEU A 90 -8.31 5.66 -12.73
CA LEU A 90 -7.40 6.49 -13.51
C LEU A 90 -6.07 6.69 -12.80
N VAL A 91 -5.00 6.30 -13.49
CA VAL A 91 -3.66 6.45 -12.95
C VAL A 91 -2.94 7.53 -13.73
N ILE A 92 -2.61 8.63 -13.07
CA ILE A 92 -1.87 9.70 -13.72
C ILE A 92 -0.39 9.31 -13.54
N ALA A 93 0.14 8.50 -14.45
CA ALA A 93 1.53 8.04 -14.35
C ALA A 93 2.50 9.11 -14.83
N CYS A 94 2.37 10.30 -14.27
CA CYS A 94 3.20 11.45 -14.61
C CYS A 94 3.30 12.35 -13.40
N ASN A 95 4.52 12.63 -12.96
CA ASN A 95 4.76 13.49 -11.82
C ASN A 95 4.29 14.91 -12.09
N THR A 96 4.59 15.41 -13.28
CA THR A 96 4.22 16.75 -13.68
C THR A 96 2.72 16.94 -13.59
N ALA A 97 1.98 16.04 -14.22
CA ALA A 97 0.52 16.13 -14.20
C ALA A 97 0.00 15.98 -12.78
N THR A 98 0.49 14.95 -12.09
CA THR A 98 0.11 14.68 -10.72
C THR A 98 0.24 15.93 -9.85
N ALA A 99 1.44 16.50 -9.85
CA ALA A 99 1.73 17.70 -9.04
C ALA A 99 0.71 18.81 -9.18
N VAL A 100 0.16 19.01 -10.38
CA VAL A 100 -0.79 20.09 -10.58
C VAL A 100 -2.25 19.72 -10.80
N ALA A 101 -2.50 18.50 -11.25
CA ALA A 101 -3.81 18.13 -11.76
C ALA A 101 -4.60 17.31 -10.74
N LEU A 102 -3.88 16.58 -9.90
CA LEU A 102 -4.39 15.33 -9.33
C LEU A 102 -5.58 15.61 -8.41
N GLU A 103 -5.38 16.49 -7.43
CA GLU A 103 -6.43 16.89 -6.51
C GLU A 103 -7.73 17.26 -7.24
N GLU A 104 -7.60 18.10 -8.26
CA GLU A 104 -8.73 18.57 -9.04
C GLU A 104 -9.50 17.45 -9.76
N ILE A 105 -8.76 16.55 -10.41
CA ILE A 105 -9.37 15.44 -11.14
C ILE A 105 -9.92 14.37 -10.20
N LYS A 106 -9.27 14.18 -9.05
CA LYS A 106 -9.74 13.19 -8.09
C LYS A 106 -11.07 13.63 -7.50
N ALA A 107 -11.16 14.93 -7.18
CA ALA A 107 -12.37 15.48 -6.62
C ALA A 107 -13.52 15.48 -7.64
N ALA A 108 -13.19 15.63 -8.91
CA ALA A 108 -14.21 15.68 -9.95
C ALA A 108 -14.73 14.35 -10.47
N LEU A 109 -13.89 13.32 -10.43
CA LEU A 109 -14.30 12.01 -10.94
C LEU A 109 -14.91 11.05 -9.93
N PRO A 110 -15.87 10.22 -10.40
CA PRO A 110 -16.58 9.21 -9.60
C PRO A 110 -15.67 8.01 -9.35
N ILE A 111 -14.77 7.75 -10.30
CA ILE A 111 -13.83 6.66 -10.18
C ILE A 111 -12.61 7.14 -9.41
N PRO A 112 -11.81 6.22 -8.88
CA PRO A 112 -10.61 6.62 -8.14
C PRO A 112 -9.49 7.10 -9.07
N VAL A 113 -8.71 8.06 -8.60
CA VAL A 113 -7.60 8.61 -9.38
C VAL A 113 -6.31 8.46 -8.57
N VAL A 114 -5.26 7.98 -9.24
CA VAL A 114 -4.00 7.73 -8.58
C VAL A 114 -2.82 8.52 -9.12
N GLY A 115 -2.08 9.15 -8.22
CA GLY A 115 -0.92 9.94 -8.61
C GLY A 115 0.36 9.19 -8.23
N VAL A 116 1.50 9.67 -8.72
CA VAL A 116 2.77 9.02 -8.46
C VAL A 116 3.70 9.69 -7.46
N ILE A 117 3.37 10.88 -6.97
CA ILE A 117 4.25 11.58 -6.03
C ILE A 117 4.37 10.96 -4.63
N LEU A 118 3.24 10.83 -3.91
CA LEU A 118 3.28 10.29 -2.56
C LEU A 118 3.84 8.87 -2.42
N PRO A 119 3.47 7.95 -3.33
CA PRO A 119 4.01 6.60 -3.21
C PRO A 119 5.54 6.67 -3.21
N GLY A 120 6.07 7.49 -4.11
CA GLY A 120 7.52 7.64 -4.20
C GLY A 120 8.06 8.30 -2.94
N ALA A 121 7.31 9.27 -2.43
CA ALA A 121 7.74 9.98 -1.23
C ALA A 121 7.75 9.08 -0.01
N ARG A 122 6.73 8.23 0.15
CA ARG A 122 6.74 7.40 1.33
C ARG A 122 7.79 6.29 1.25
N ALA A 123 8.07 5.82 0.05
CA ALA A 123 9.06 4.78 -0.16
C ALA A 123 10.45 5.32 0.15
N ALA A 124 10.72 6.54 -0.32
CA ALA A 124 12.03 7.14 -0.07
C ALA A 124 12.26 7.28 1.44
N VAL A 125 11.26 7.83 2.14
CA VAL A 125 11.32 8.02 3.57
C VAL A 125 11.61 6.71 4.32
N LYS A 126 11.04 5.61 3.83
CA LYS A 126 11.26 4.31 4.47
C LYS A 126 12.65 3.74 4.22
N VAL A 127 13.29 4.15 3.13
CA VAL A 127 14.61 3.61 2.79
C VAL A 127 15.79 4.45 3.22
N THR A 128 15.61 5.76 3.42
CA THR A 128 16.75 6.57 3.81
C THR A 128 17.27 6.26 5.21
N LYS A 129 18.58 6.25 5.35
CA LYS A 129 19.23 6.00 6.63
C LYS A 129 19.95 7.29 7.01
N ASN A 130 20.20 8.11 6.00
CA ASN A 130 20.87 9.41 6.12
C ASN A 130 19.97 10.56 6.53
N ASN A 131 18.73 10.51 6.07
CA ASN A 131 17.77 11.58 6.30
C ASN A 131 18.18 12.67 5.32
N LYS A 132 18.96 12.25 4.32
CA LYS A 132 19.41 13.14 3.25
C LYS A 132 18.88 12.54 1.94
N ILE A 133 17.76 13.08 1.45
CA ILE A 133 17.11 12.60 0.25
C ILE A 133 17.16 13.58 -0.93
N GLY A 134 17.29 13.02 -2.13
CA GLY A 134 17.33 13.85 -3.32
C GLY A 134 16.21 13.48 -4.27
N VAL A 135 15.80 14.42 -5.10
CA VAL A 135 14.76 14.14 -6.07
C VAL A 135 15.04 14.92 -7.34
N ILE A 136 14.89 14.25 -8.47
CA ILE A 136 15.10 14.86 -9.77
C ILE A 136 13.80 14.72 -10.52
N GLY A 137 13.48 15.71 -11.35
CA GLY A 137 12.25 15.68 -12.10
C GLY A 137 12.21 16.84 -13.07
N THR A 138 11.06 17.03 -13.71
CA THR A 138 10.91 18.12 -14.66
C THR A 138 10.87 19.46 -13.94
N LEU A 139 10.85 20.55 -14.71
CA LEU A 139 10.77 21.88 -14.12
C LEU A 139 9.51 21.96 -13.26
N GLY A 140 8.36 21.74 -13.88
CA GLY A 140 7.10 21.79 -13.17
C GLY A 140 7.03 21.04 -11.85
N THR A 141 7.54 19.80 -11.83
CA THR A 141 7.51 19.02 -10.60
C THR A 141 8.34 19.70 -9.51
N ILE A 142 9.54 20.10 -9.88
CA ILE A 142 10.46 20.76 -8.96
C ILE A 142 9.89 22.08 -8.43
N LYS A 143 9.36 22.90 -9.33
CA LYS A 143 8.80 24.19 -8.95
C LYS A 143 7.61 24.08 -8.00
N SER A 144 6.81 23.04 -8.16
CA SER A 144 5.64 22.85 -7.31
C SER A 144 6.05 22.52 -5.87
N ALA A 145 7.30 22.10 -5.69
CA ALA A 145 7.83 21.74 -4.39
C ALA A 145 7.01 20.62 -3.76
N SER A 146 6.33 19.84 -4.59
CA SER A 146 5.50 18.75 -4.13
C SER A 146 6.25 17.73 -3.28
N TYR A 147 7.37 17.25 -3.80
CA TYR A 147 8.16 16.22 -3.13
C TYR A 147 8.71 16.72 -1.81
N GLU A 148 9.23 17.95 -1.81
CA GLU A 148 9.53 18.65 -0.57
C GLU A 148 8.33 18.67 0.37
N ILE A 149 7.18 19.08 -0.15
CA ILE A 149 5.99 19.25 0.67
C ILE A 149 5.50 17.91 1.23
N ALA A 150 5.58 16.87 0.42
CA ALA A 150 5.17 15.54 0.83
C ALA A 150 6.11 14.98 1.90
N ILE A 151 7.42 15.04 1.64
CA ILE A 151 8.41 14.53 2.59
C ILE A 151 8.39 15.30 3.92
N LYS A 152 8.14 16.61 3.86
CA LYS A 152 8.09 17.43 5.06
C LYS A 152 7.00 16.93 6.00
N SER A 153 5.81 16.71 5.44
CA SER A 153 4.67 16.25 6.21
C SER A 153 4.86 14.88 6.83
N LYS A 154 5.80 14.10 6.30
CA LYS A 154 6.05 12.77 6.83
C LYS A 154 7.19 12.77 7.85
N ALA A 155 8.33 13.33 7.45
CA ALA A 155 9.50 13.38 8.31
C ALA A 155 10.28 14.68 8.12
N PRO A 156 9.85 15.75 8.79
CA PRO A 156 10.47 17.07 8.71
C PRO A 156 11.98 17.15 8.99
N ALA A 157 12.53 16.12 9.63
CA ALA A 157 13.96 16.11 9.93
C ALA A 157 14.78 15.76 8.69
N ILE A 158 14.12 15.22 7.67
CA ILE A 158 14.81 14.83 6.45
C ILE A 158 15.18 16.03 5.58
N GLU A 159 16.43 16.05 5.13
CA GLU A 159 16.90 17.12 4.26
C GLU A 159 16.69 16.71 2.82
N VAL A 160 15.87 17.48 2.12
CA VAL A 160 15.56 17.22 0.72
C VAL A 160 16.28 18.15 -0.24
N THR A 161 16.86 17.57 -1.28
CA THR A 161 17.55 18.35 -2.28
C THR A 161 16.91 18.05 -3.63
N SER A 162 16.24 19.03 -4.20
CA SER A 162 15.57 18.87 -5.48
C SER A 162 16.38 19.45 -6.65
N LEU A 163 16.25 18.84 -7.82
CA LEU A 163 16.95 19.28 -9.00
C LEU A 163 16.14 18.99 -10.26
N ALA A 164 15.95 20.00 -11.10
CA ALA A 164 15.21 19.82 -12.35
C ALA A 164 16.20 19.30 -13.38
N CYS A 165 15.75 18.39 -14.24
CA CYS A 165 16.62 17.84 -15.28
C CYS A 165 15.88 17.82 -16.61
N PRO A 166 15.64 19.00 -17.20
CA PRO A 166 14.93 19.14 -18.47
C PRO A 166 15.51 18.36 -19.66
N LYS A 167 16.81 18.09 -19.62
CA LYS A 167 17.45 17.36 -20.72
C LYS A 167 17.16 15.87 -20.73
N PHE A 168 16.78 15.33 -19.58
CA PHE A 168 16.51 13.89 -19.49
C PHE A 168 15.38 13.38 -20.37
N VAL A 169 14.18 13.93 -20.20
CA VAL A 169 13.01 13.50 -20.96
C VAL A 169 13.21 13.36 -22.47
N PRO A 170 13.89 14.35 -23.10
CA PRO A 170 14.12 14.27 -24.55
C PRO A 170 15.03 13.09 -24.90
N ILE A 171 15.98 12.80 -24.03
CA ILE A 171 16.89 11.68 -24.25
C ILE A 171 16.08 10.38 -24.34
N VAL A 172 15.01 10.28 -23.55
CA VAL A 172 14.19 9.08 -23.54
C VAL A 172 13.24 9.02 -24.73
N GLU A 173 12.57 10.13 -25.02
CA GLU A 173 11.64 10.15 -26.14
C GLU A 173 12.37 9.84 -27.45
N SER A 174 13.60 10.36 -27.58
CA SER A 174 14.40 10.15 -28.78
C SER A 174 14.98 8.75 -28.87
N ASN A 175 14.63 7.89 -27.91
CA ASN A 175 15.11 6.53 -27.87
C ASN A 175 16.65 6.46 -27.91
N GLN A 176 17.29 7.33 -27.14
CA GLN A 176 18.75 7.35 -27.10
C GLN A 176 19.25 7.30 -25.67
N TYR A 177 18.44 6.71 -24.80
CA TYR A 177 18.75 6.60 -23.39
C TYR A 177 19.84 5.58 -23.05
N ARG A 178 20.43 4.98 -24.07
CA ARG A 178 21.49 4.01 -23.85
C ARG A 178 22.80 4.57 -24.41
N SER A 179 22.68 5.62 -25.21
CA SER A 179 23.81 6.27 -25.86
C SER A 179 24.86 6.90 -24.92
N SER A 180 26.08 7.00 -25.43
CA SER A 180 27.18 7.59 -24.69
C SER A 180 26.80 9.04 -24.40
N VAL A 181 26.10 9.66 -25.34
CA VAL A 181 25.65 11.03 -25.18
C VAL A 181 24.83 11.13 -23.91
N ALA A 182 23.83 10.25 -23.80
CA ALA A 182 22.97 10.22 -22.64
C ALA A 182 23.80 10.13 -21.36
N LYS A 183 24.80 9.26 -21.37
CA LYS A 183 25.66 9.08 -20.20
C LYS A 183 26.37 10.37 -19.77
N LYS A 184 26.81 11.15 -20.75
CA LYS A 184 27.54 12.38 -20.44
C LYS A 184 26.60 13.48 -19.90
N ILE A 185 25.38 13.52 -20.42
CA ILE A 185 24.40 14.51 -19.99
C ILE A 185 23.96 14.22 -18.56
N VAL A 186 23.57 12.98 -18.32
CA VAL A 186 23.14 12.56 -16.99
C VAL A 186 24.24 12.89 -16.00
N ALA A 187 25.48 12.59 -16.38
CA ALA A 187 26.64 12.82 -15.54
C ALA A 187 26.84 14.29 -15.14
N GLU A 188 26.92 15.17 -16.13
CA GLU A 188 27.11 16.59 -15.86
C GLU A 188 25.91 17.17 -15.11
N THR A 189 24.71 16.75 -15.50
CA THR A 189 23.50 17.26 -14.85
C THR A 189 23.43 16.81 -13.39
N LEU A 190 23.82 15.57 -13.12
CA LEU A 190 23.73 15.06 -11.77
C LEU A 190 24.86 15.47 -10.83
N GLN A 191 25.90 16.09 -11.38
CA GLN A 191 27.05 16.54 -10.60
C GLN A 191 26.63 17.55 -9.53
N ALA A 192 25.48 18.18 -9.75
CA ALA A 192 24.96 19.18 -8.81
C ALA A 192 24.47 18.56 -7.50
N LEU A 193 24.23 17.26 -7.50
CA LEU A 193 23.77 16.57 -6.31
C LEU A 193 24.97 15.94 -5.63
N GLN A 194 26.09 15.95 -6.34
CA GLN A 194 27.30 15.35 -5.82
C GLN A 194 27.84 16.00 -4.55
N LEU A 195 28.42 15.18 -3.69
CA LEU A 195 29.00 15.63 -2.45
C LEU A 195 28.01 16.22 -1.46
N LYS A 196 26.73 15.84 -1.56
CA LYS A 196 25.75 16.36 -0.63
C LYS A 196 25.33 15.30 0.38
N GLY A 197 25.98 14.14 0.34
CA GLY A 197 25.67 13.07 1.27
C GLY A 197 24.34 12.36 1.15
N LEU A 198 23.71 12.42 -0.03
CA LEU A 198 22.44 11.74 -0.22
C LEU A 198 22.66 10.22 -0.27
N ASP A 199 21.77 9.47 0.38
CA ASP A 199 21.86 8.01 0.34
C ASP A 199 20.61 7.48 -0.36
N THR A 200 19.79 8.41 -0.85
CA THR A 200 18.55 8.05 -1.51
C THR A 200 18.21 9.09 -2.56
N LEU A 201 17.86 8.65 -3.77
CA LEU A 201 17.50 9.56 -4.83
C LEU A 201 16.19 9.13 -5.46
N ILE A 202 15.18 10.01 -5.40
CA ILE A 202 13.87 9.71 -5.99
C ILE A 202 13.81 10.04 -7.47
N LEU A 203 13.51 9.03 -8.29
CA LEU A 203 13.37 9.29 -9.72
C LEU A 203 12.00 9.96 -9.87
N GLY A 204 11.98 11.27 -9.68
CA GLY A 204 10.75 12.04 -9.76
C GLY A 204 10.14 12.27 -11.13
N CYS A 205 10.45 11.39 -12.07
CA CYS A 205 9.88 11.49 -13.40
C CYS A 205 9.71 10.07 -13.91
N THR A 206 8.51 9.73 -14.37
CA THR A 206 8.25 8.39 -14.84
C THR A 206 9.05 8.00 -16.08
N HIS A 207 9.82 8.94 -16.61
CA HIS A 207 10.65 8.67 -17.77
C HIS A 207 12.02 8.21 -17.30
N TYR A 208 12.44 8.70 -16.15
CA TYR A 208 13.77 8.40 -15.63
C TYR A 208 14.14 6.95 -15.35
N PRO A 209 13.14 6.08 -15.09
CA PRO A 209 13.53 4.69 -14.86
C PRO A 209 14.19 4.06 -16.08
N LEU A 210 13.96 4.62 -17.27
CA LEU A 210 14.59 4.06 -18.46
C LEU A 210 16.06 4.47 -18.53
N LEU A 211 16.45 5.38 -17.64
CA LEU A 211 17.83 5.87 -17.54
C LEU A 211 18.46 5.36 -16.25
N ARG A 212 17.72 4.55 -15.51
CA ARG A 212 18.18 4.02 -14.23
C ARG A 212 19.61 3.49 -14.18
N PRO A 213 19.99 2.63 -15.13
CA PRO A 213 21.37 2.13 -15.04
C PRO A 213 22.42 3.25 -15.15
N VAL A 214 22.14 4.26 -15.96
CA VAL A 214 23.09 5.36 -16.11
C VAL A 214 23.11 6.22 -14.84
N ILE A 215 21.93 6.46 -14.27
CA ILE A 215 21.83 7.27 -13.06
C ILE A 215 22.45 6.59 -11.84
N GLN A 216 22.23 5.28 -11.72
CA GLN A 216 22.78 4.51 -10.61
C GLN A 216 24.30 4.55 -10.68
N ASN A 217 24.81 4.45 -11.90
CA ASN A 217 26.24 4.45 -12.14
C ASN A 217 26.85 5.81 -11.76
N VAL A 218 26.15 6.88 -12.10
CA VAL A 218 26.65 8.22 -11.79
C VAL A 218 26.59 8.51 -10.29
N MET A 219 25.51 8.10 -9.64
CA MET A 219 25.37 8.37 -8.23
C MET A 219 26.21 7.46 -7.32
N GLY A 220 26.38 6.20 -7.72
CA GLY A 220 27.17 5.28 -6.91
C GLY A 220 26.32 4.22 -6.21
N SER A 221 26.98 3.14 -5.78
CA SER A 221 26.31 2.02 -5.12
C SER A 221 25.83 2.29 -3.70
N HIS A 222 26.14 3.47 -3.19
CA HIS A 222 25.73 3.84 -1.84
C HIS A 222 24.37 4.53 -1.89
N VAL A 223 23.91 4.82 -3.09
CA VAL A 223 22.63 5.50 -3.26
C VAL A 223 21.53 4.60 -3.78
N THR A 224 20.42 4.57 -3.04
CA THR A 224 19.26 3.77 -3.43
C THR A 224 18.31 4.60 -4.26
N LEU A 225 17.93 4.10 -5.43
CA LEU A 225 17.02 4.82 -6.30
C LEU A 225 15.57 4.39 -6.07
N ILE A 226 14.68 5.38 -5.99
CA ILE A 226 13.26 5.13 -5.78
C ILE A 226 12.49 5.37 -7.07
N ASP A 227 11.79 4.33 -7.53
CA ASP A 227 11.00 4.41 -8.74
C ASP A 227 9.59 4.77 -8.31
N SER A 228 9.24 6.06 -8.39
CA SER A 228 7.93 6.55 -7.97
C SER A 228 6.74 5.79 -8.56
N GLY A 229 6.71 5.68 -9.89
CA GLY A 229 5.62 4.96 -10.53
C GLY A 229 5.58 3.46 -10.18
N ALA A 230 6.73 2.84 -9.95
CA ALA A 230 6.74 1.44 -9.62
C ALA A 230 6.04 1.21 -8.27
N GLU A 231 6.25 2.16 -7.35
CA GLU A 231 5.67 2.10 -6.00
C GLU A 231 4.15 2.30 -6.03
N THR A 232 3.69 3.03 -7.04
CA THR A 232 2.29 3.33 -7.20
C THR A 232 1.42 2.10 -7.47
N VAL A 233 1.93 1.15 -8.25
CA VAL A 233 1.16 -0.05 -8.54
C VAL A 233 0.74 -0.72 -7.23
N GLY A 234 1.64 -0.69 -6.26
CA GLY A 234 1.35 -1.28 -4.96
C GLY A 234 0.12 -0.63 -4.36
N GLU A 235 0.02 0.70 -4.47
CA GLU A 235 -1.12 1.41 -3.94
C GLU A 235 -2.33 1.04 -4.78
N VAL A 236 -2.13 0.93 -6.09
CA VAL A 236 -3.23 0.58 -6.98
C VAL A 236 -3.84 -0.74 -6.51
N SER A 237 -2.98 -1.71 -6.23
CA SER A 237 -3.43 -3.01 -5.77
C SER A 237 -4.38 -2.93 -4.57
N MET A 238 -4.01 -2.19 -3.52
CA MET A 238 -4.90 -2.11 -2.36
C MET A 238 -6.16 -1.31 -2.66
N LEU A 239 -6.06 -0.32 -3.54
CA LEU A 239 -7.24 0.47 -3.88
C LEU A 239 -8.30 -0.38 -4.59
N LEU A 240 -7.85 -1.38 -5.35
CA LEU A 240 -8.79 -2.25 -6.04
C LEU A 240 -9.59 -3.02 -4.99
N ASP A 241 -8.90 -3.49 -3.94
CA ASP A 241 -9.59 -4.23 -2.87
C ASP A 241 -10.43 -3.28 -2.05
N TYR A 242 -9.89 -2.09 -1.78
CA TYR A 242 -10.61 -1.11 -0.99
C TYR A 242 -11.94 -0.76 -1.66
N PHE A 243 -11.88 -0.43 -2.95
CA PHE A 243 -13.08 -0.08 -3.68
C PHE A 243 -13.74 -1.30 -4.28
N ASP A 244 -13.25 -2.46 -3.90
CA ASP A 244 -13.78 -3.73 -4.39
C ASP A 244 -14.18 -3.68 -5.87
N ILE A 245 -13.23 -3.30 -6.72
CA ILE A 245 -13.48 -3.23 -8.16
C ILE A 245 -12.42 -3.98 -8.92
N ALA A 246 -11.81 -4.97 -8.28
CA ALA A 246 -10.78 -5.75 -8.94
C ALA A 246 -11.39 -6.56 -10.07
N HIS A 247 -10.58 -6.85 -11.08
CA HIS A 247 -11.03 -7.65 -12.21
C HIS A 247 -11.01 -9.11 -11.77
N THR A 248 -11.88 -9.93 -12.33
CA THR A 248 -11.90 -11.35 -11.95
C THR A 248 -10.50 -11.93 -12.16
N PRO A 249 -10.12 -12.91 -11.32
CA PRO A 249 -8.81 -13.56 -11.39
C PRO A 249 -8.49 -14.35 -12.65
N GLU A 250 -8.83 -13.78 -13.81
CA GLU A 250 -8.55 -14.43 -15.08
C GLU A 250 -7.95 -13.41 -16.04
N ALA A 251 -7.02 -13.85 -16.88
CA ALA A 251 -6.39 -12.96 -17.85
C ALA A 251 -7.50 -12.39 -18.73
N PRO A 252 -7.56 -11.07 -18.89
CA PRO A 252 -8.60 -10.43 -19.71
C PRO A 252 -8.71 -10.94 -21.15
N THR A 253 -9.92 -10.80 -21.71
CA THR A 253 -10.20 -11.22 -23.07
C THR A 253 -9.61 -10.18 -24.04
N GLN A 254 -10.01 -8.93 -23.86
CA GLN A 254 -9.52 -7.83 -24.69
C GLN A 254 -8.05 -7.55 -24.34
N PRO A 255 -7.19 -7.39 -25.35
CA PRO A 255 -5.77 -7.11 -25.10
C PRO A 255 -5.57 -5.69 -24.58
N HIS A 256 -4.35 -5.35 -24.20
CA HIS A 256 -4.04 -4.02 -23.69
C HIS A 256 -3.95 -3.02 -24.83
N GLU A 257 -4.59 -1.88 -24.65
CA GLU A 257 -4.61 -0.83 -25.67
C GLU A 257 -3.55 0.26 -25.44
N PHE A 258 -2.76 0.54 -26.47
CA PHE A 258 -1.73 1.58 -26.38
C PHE A 258 -1.99 2.71 -27.37
N TYR A 259 -2.25 3.91 -26.84
CA TYR A 259 -2.49 5.08 -27.67
C TYR A 259 -1.42 6.13 -27.48
N THR A 260 -1.16 6.89 -28.53
CA THR A 260 -0.16 7.96 -28.50
C THR A 260 -0.59 9.05 -29.45
N THR A 261 -0.28 10.31 -29.11
CA THR A 261 -0.65 11.42 -29.99
C THR A 261 0.47 11.68 -31.01
N GLY A 262 1.53 10.88 -30.92
CA GLY A 262 2.65 11.02 -31.85
C GLY A 262 2.82 9.81 -32.76
N SER A 263 4.00 9.69 -33.37
CA SER A 263 4.29 8.59 -34.27
C SER A 263 4.02 7.23 -33.62
N ALA A 264 2.86 6.68 -33.91
CA ALA A 264 2.47 5.39 -33.36
C ALA A 264 3.58 4.35 -33.56
N LYS A 265 4.45 4.61 -34.52
CA LYS A 265 5.53 3.69 -34.82
C LYS A 265 6.75 3.85 -33.90
N MET A 266 7.14 5.08 -33.62
CA MET A 266 8.29 5.30 -32.73
C MET A 266 7.90 4.84 -31.33
N PHE A 267 6.62 4.91 -31.02
CA PHE A 267 6.13 4.47 -29.71
C PHE A 267 6.43 2.97 -29.58
N GLU A 268 5.86 2.20 -30.50
CA GLU A 268 6.06 0.76 -30.52
C GLU A 268 7.53 0.41 -30.41
N GLU A 269 8.37 1.22 -31.05
CA GLU A 269 9.81 0.97 -31.02
C GLU A 269 10.35 0.84 -29.60
N ILE A 270 10.19 1.89 -28.80
CA ILE A 270 10.68 1.87 -27.42
C ILE A 270 9.74 1.17 -26.44
N ALA A 271 8.44 1.21 -26.71
CA ALA A 271 7.48 0.55 -25.83
C ALA A 271 7.75 -0.96 -25.79
N SER A 272 7.77 -1.58 -26.97
CA SER A 272 7.99 -3.01 -27.10
C SER A 272 9.34 -3.46 -26.51
N SER A 273 10.33 -2.58 -26.55
CA SER A 273 11.64 -2.90 -26.03
C SER A 273 11.69 -2.87 -24.49
N TRP A 274 11.19 -1.78 -23.91
CA TRP A 274 11.19 -1.64 -22.47
C TRP A 274 10.23 -2.62 -21.79
N LEU A 275 9.09 -2.88 -22.41
CA LEU A 275 8.10 -3.79 -21.85
C LEU A 275 8.41 -5.26 -22.15
N GLY A 276 9.14 -5.50 -23.25
CA GLY A 276 9.47 -6.87 -23.61
C GLY A 276 8.30 -7.53 -24.32
N ILE A 277 7.56 -6.73 -25.10
CA ILE A 277 6.40 -7.22 -25.84
C ILE A 277 6.61 -7.12 -27.35
N GLU A 278 7.00 -8.24 -27.97
CA GLU A 278 7.22 -8.25 -29.41
C GLU A 278 5.91 -7.94 -30.13
N ASN A 279 6.02 -7.14 -31.20
CA ASN A 279 4.86 -6.76 -32.00
C ASN A 279 3.82 -6.01 -31.18
N LEU A 280 4.31 -5.10 -30.34
CA LEU A 280 3.43 -4.30 -29.51
C LEU A 280 2.68 -3.33 -30.41
N LYS A 281 1.36 -3.46 -30.44
CA LYS A 281 0.53 -2.59 -31.26
C LYS A 281 0.35 -1.25 -30.59
N ALA A 282 0.19 -0.21 -31.39
CA ALA A 282 -0.01 1.14 -30.90
C ALA A 282 -0.82 1.91 -31.93
N GLN A 283 -1.72 2.77 -31.47
CA GLN A 283 -2.56 3.53 -32.37
C GLN A 283 -2.51 5.02 -32.07
N GLN A 284 -2.16 5.82 -33.09
CA GLN A 284 -2.08 7.26 -32.94
C GLN A 284 -3.47 7.85 -32.87
N ILE A 285 -3.63 8.96 -32.16
CA ILE A 285 -4.92 9.60 -32.01
C ILE A 285 -4.78 11.12 -31.90
N HIS A 286 -5.90 11.82 -31.77
CA HIS A 286 -5.89 13.27 -31.65
C HIS A 286 -6.65 13.76 -30.42
N LEU A 287 -6.18 14.85 -29.84
CA LEU A 287 -6.79 15.45 -28.66
C LEU A 287 -6.88 16.96 -28.80
N GLY A 288 -7.85 17.56 -28.14
CA GLY A 288 -8.02 19.01 -28.20
C GLY A 288 -8.09 19.58 -29.59
N GLY A 289 -8.15 20.83 -29.73
N SER B 22 -10.98 17.15 10.89
CA SER B 22 -10.92 15.71 10.53
C SER B 22 -9.51 15.12 10.67
N ASN B 23 -8.55 15.73 9.99
CA ASN B 23 -7.16 15.28 10.02
C ASN B 23 -6.52 15.17 11.40
N GLN B 24 -7.05 15.92 12.37
CA GLN B 24 -6.49 15.89 13.71
C GLN B 24 -7.16 14.84 14.59
N GLU B 25 -8.29 14.32 14.12
CA GLU B 25 -9.03 13.28 14.86
C GLU B 25 -8.28 11.95 14.84
N ALA B 26 -8.50 11.13 15.87
CA ALA B 26 -7.74 9.90 16.06
C ALA B 26 -8.18 8.83 15.07
N ILE B 27 -7.36 7.80 14.91
CA ILE B 27 -7.79 6.56 14.27
C ILE B 27 -8.30 5.57 15.31
N GLY B 28 -9.41 4.92 15.00
CA GLY B 28 -10.04 3.98 15.92
C GLY B 28 -9.69 2.54 15.61
N LEU B 29 -9.39 1.77 16.66
CA LEU B 29 -9.12 0.36 16.50
C LEU B 29 -9.98 -0.40 17.50
N ILE B 30 -10.79 -1.32 17.00
CA ILE B 30 -11.63 -2.12 17.88
C ILE B 30 -11.19 -3.57 17.77
N ASP B 31 -11.17 -4.26 18.91
CA ASP B 31 -10.76 -5.66 18.94
C ASP B 31 -11.45 -6.46 20.03
N SER B 32 -11.35 -7.78 19.92
CA SER B 32 -11.95 -8.69 20.88
C SER B 32 -11.42 -8.48 22.29
N GLY B 33 -10.15 -8.17 22.41
CA GLY B 33 -9.56 -7.97 23.72
C GLY B 33 -8.22 -7.25 23.74
N VAL B 34 -7.17 -7.97 24.10
CA VAL B 34 -5.84 -7.37 24.17
C VAL B 34 -5.03 -7.66 22.92
N GLY B 35 -5.50 -8.61 22.12
CA GLY B 35 -4.81 -9.00 20.90
C GLY B 35 -4.50 -7.84 19.97
N GLY B 36 -5.54 -7.08 19.62
CA GLY B 36 -5.42 -5.94 18.73
C GLY B 36 -4.28 -4.99 19.05
N LEU B 37 -3.72 -5.14 20.24
CA LEU B 37 -2.61 -4.29 20.64
C LEU B 37 -1.39 -4.49 19.75
N THR B 38 -1.31 -5.64 19.06
CA THR B 38 -0.18 -5.88 18.17
C THR B 38 -0.35 -4.95 16.98
N VAL B 39 -1.60 -4.79 16.54
CA VAL B 39 -1.90 -3.89 15.42
C VAL B 39 -1.69 -2.44 15.86
N LEU B 40 -2.12 -2.13 17.07
CA LEU B 40 -1.96 -0.76 17.58
C LEU B 40 -0.49 -0.46 17.74
N LYS B 41 0.27 -1.41 18.26
CA LYS B 41 1.70 -1.20 18.44
C LYS B 41 2.35 -0.96 17.08
N GLU B 42 1.92 -1.72 16.09
CA GLU B 42 2.46 -1.60 14.73
C GLU B 42 2.17 -0.19 14.20
N ALA B 43 1.01 0.35 14.56
CA ALA B 43 0.60 1.68 14.11
C ALA B 43 1.44 2.76 14.79
N LEU B 44 1.83 2.50 16.04
CA LEU B 44 2.64 3.45 16.79
C LEU B 44 4.01 3.54 16.11
N LYS B 45 4.44 2.45 15.49
CA LYS B 45 5.73 2.40 14.82
C LYS B 45 5.66 3.00 13.43
N GLN B 46 4.70 2.57 12.63
CA GLN B 46 4.56 3.07 11.27
C GLN B 46 3.87 4.45 11.18
N LEU B 47 3.03 4.78 12.14
CA LEU B 47 2.31 6.05 12.13
C LEU B 47 2.49 6.80 13.45
N PRO B 48 3.72 7.28 13.72
CA PRO B 48 4.03 8.01 14.95
C PRO B 48 3.26 9.31 15.20
N ASN B 49 2.83 9.98 14.13
CA ASN B 49 2.08 11.22 14.30
C ASN B 49 0.57 11.01 14.47
N GLU B 50 0.10 9.78 14.31
CA GLU B 50 -1.33 9.50 14.44
C GLU B 50 -1.84 9.23 15.85
N ARG B 51 -2.88 9.95 16.23
CA ARG B 51 -3.51 9.78 17.53
C ARG B 51 -4.36 8.53 17.37
N LEU B 52 -4.30 7.63 18.35
CA LEU B 52 -5.05 6.39 18.29
C LEU B 52 -6.06 6.27 19.43
N ILE B 53 -7.13 5.52 19.18
CA ILE B 53 -8.14 5.24 20.19
C ILE B 53 -8.45 3.76 20.03
N TYR B 54 -8.12 2.99 21.08
CA TYR B 54 -8.31 1.54 21.09
C TYR B 54 -9.48 1.10 21.98
N LEU B 55 -10.25 0.14 21.48
CA LEU B 55 -11.37 -0.40 22.23
C LEU B 55 -11.25 -1.92 22.15
N GLY B 56 -11.24 -2.56 23.32
CA GLY B 56 -11.14 -4.01 23.38
C GLY B 56 -12.24 -4.60 24.25
N ASP B 57 -13.02 -5.51 23.67
CA ASP B 57 -14.13 -6.15 24.37
C ASP B 57 -13.63 -7.30 25.25
N THR B 58 -12.61 -7.00 26.05
CA THR B 58 -12.02 -8.02 26.93
C THR B 58 -13.03 -8.67 27.84
N ALA B 59 -14.10 -7.97 28.18
CA ALA B 59 -15.12 -8.55 29.03
C ALA B 59 -15.84 -9.70 28.31
N ARG B 60 -15.67 -9.79 27.00
CA ARG B 60 -16.35 -10.85 26.26
C ARG B 60 -15.47 -11.75 25.39
N CYS B 61 -14.17 -11.49 25.38
CA CYS B 61 -13.27 -12.33 24.58
C CYS B 61 -13.12 -13.67 25.31
N PRO B 62 -12.69 -14.72 24.58
CA PRO B 62 -12.35 -14.72 23.16
C PRO B 62 -13.54 -14.67 22.20
N TYR B 63 -13.27 -14.30 20.96
CA TYR B 63 -14.28 -14.19 19.91
C TYR B 63 -14.20 -15.44 19.02
N GLY B 64 -12.98 -15.95 18.87
CA GLY B 64 -12.73 -17.12 18.04
C GLY B 64 -13.72 -18.25 18.17
N PRO B 65 -13.97 -18.75 19.40
CA PRO B 65 -14.92 -19.85 19.62
C PRO B 65 -16.40 -19.42 19.58
N ARG B 66 -16.65 -18.13 19.43
CA ARG B 66 -18.03 -17.66 19.39
C ARG B 66 -18.64 -17.76 18.00
N PRO B 67 -19.98 -17.85 17.93
CA PRO B 67 -20.63 -17.95 16.62
C PRO B 67 -20.55 -16.57 15.96
N ALA B 68 -20.48 -16.56 14.63
CA ALA B 68 -20.37 -15.33 13.85
C ALA B 68 -21.35 -14.21 14.21
N GLU B 69 -22.64 -14.53 14.22
CA GLU B 69 -23.69 -13.56 14.51
C GLU B 69 -23.37 -12.76 15.77
N GLN B 70 -23.17 -13.46 16.87
CA GLN B 70 -22.86 -12.79 18.10
C GLN B 70 -21.63 -11.88 17.88
N VAL B 71 -20.67 -12.35 17.09
CA VAL B 71 -19.48 -11.55 16.80
C VAL B 71 -19.86 -10.30 15.99
N VAL B 72 -20.77 -10.46 15.03
CA VAL B 72 -21.19 -9.31 14.23
C VAL B 72 -21.83 -8.26 15.12
N GLN B 73 -22.63 -8.71 16.08
CA GLN B 73 -23.34 -7.82 17.01
C GLN B 73 -22.36 -7.01 17.86
N PHE B 74 -21.43 -7.72 18.49
CA PHE B 74 -20.43 -7.10 19.34
C PHE B 74 -19.59 -6.08 18.57
N THR B 75 -19.07 -6.51 17.42
CA THR B 75 -18.25 -5.63 16.59
C THR B 75 -18.98 -4.33 16.29
N TRP B 76 -20.27 -4.44 16.02
CA TRP B 76 -21.09 -3.26 15.74
C TRP B 76 -21.18 -2.33 16.94
N GLU B 77 -21.27 -2.93 18.13
CA GLU B 77 -21.35 -2.13 19.35
C GLU B 77 -20.04 -1.38 19.53
N MET B 78 -18.92 -2.07 19.35
CA MET B 78 -17.62 -1.42 19.51
C MET B 78 -17.51 -0.27 18.50
N ALA B 79 -17.84 -0.56 17.24
CA ALA B 79 -17.78 0.45 16.18
C ALA B 79 -18.60 1.68 16.56
N ASP B 80 -19.86 1.47 16.93
CA ASP B 80 -20.75 2.55 17.34
C ASP B 80 -20.06 3.42 18.40
N PHE B 81 -19.69 2.80 19.51
CA PHE B 81 -19.05 3.51 20.59
C PHE B 81 -17.90 4.38 20.11
N LEU B 82 -17.07 3.84 19.22
CA LEU B 82 -15.94 4.62 18.72
C LEU B 82 -16.34 5.75 17.78
N LEU B 83 -17.40 5.53 17.01
CA LEU B 83 -17.87 6.56 16.10
C LEU B 83 -18.28 7.80 16.89
N LYS B 84 -18.98 7.57 18.00
CA LYS B 84 -19.41 8.66 18.86
C LYS B 84 -18.22 9.49 19.36
N LYS B 85 -17.02 8.97 19.14
CA LYS B 85 -15.81 9.64 19.58
C LYS B 85 -15.04 10.22 18.40
N ARG B 86 -15.68 10.24 17.24
CA ARG B 86 -15.34 11.20 16.19
C ARG B 86 -14.09 10.76 15.43
N ILE B 87 -13.76 9.48 15.52
CA ILE B 87 -12.63 8.91 14.79
C ILE B 87 -12.76 9.21 13.30
N LYS B 88 -11.61 9.32 12.63
CA LYS B 88 -11.58 9.63 11.21
C LYS B 88 -11.49 8.38 10.36
N MET B 89 -11.06 7.28 10.97
CA MET B 89 -10.91 6.01 10.26
C MET B 89 -11.13 4.87 11.27
N LEU B 90 -11.80 3.80 10.85
CA LEU B 90 -12.04 2.66 11.73
C LEU B 90 -11.22 1.45 11.30
N VAL B 91 -10.45 0.92 12.24
CA VAL B 91 -9.65 -0.25 11.95
C VAL B 91 -10.13 -1.41 12.80
N ILE B 92 -10.61 -2.45 12.14
CA ILE B 92 -11.06 -3.65 12.84
C ILE B 92 -9.80 -4.52 12.98
N ALA B 93 -9.10 -4.37 14.10
CA ALA B 93 -7.87 -5.11 14.35
C ALA B 93 -8.05 -6.61 14.52
N CYS B 94 -9.28 -7.07 14.72
CA CYS B 94 -9.58 -8.49 14.94
C CYS B 94 -9.89 -9.29 13.67
N ASN B 95 -9.15 -10.37 13.45
CA ASN B 95 -9.38 -11.21 12.28
C ASN B 95 -10.74 -11.89 12.41
N THR B 96 -11.02 -12.40 13.61
CA THR B 96 -12.28 -13.08 13.87
C THR B 96 -13.42 -12.10 13.59
N ALA B 97 -13.30 -10.90 14.15
CA ALA B 97 -14.30 -9.86 13.97
C ALA B 97 -14.40 -9.44 12.52
N THR B 98 -13.24 -9.20 11.90
CA THR B 98 -13.16 -8.79 10.50
C THR B 98 -13.80 -9.81 9.58
N ALA B 99 -13.45 -11.08 9.77
CA ALA B 99 -13.95 -12.15 8.93
C ALA B 99 -15.48 -12.21 8.75
N VAL B 100 -16.24 -11.54 9.61
CA VAL B 100 -17.70 -11.58 9.50
C VAL B 100 -18.43 -10.25 9.52
N ALA B 101 -17.81 -9.21 10.05
CA ALA B 101 -18.48 -7.92 10.13
C ALA B 101 -17.89 -6.78 9.29
N LEU B 102 -16.80 -7.03 8.58
CA LEU B 102 -16.20 -5.95 7.82
C LEU B 102 -17.08 -5.38 6.73
N GLU B 103 -17.64 -6.26 5.90
CA GLU B 103 -18.49 -5.84 4.79
C GLU B 103 -19.60 -4.88 5.21
N GLU B 104 -20.39 -5.25 6.20
CA GLU B 104 -21.48 -4.38 6.67
C GLU B 104 -21.00 -3.04 7.19
N ILE B 105 -20.15 -3.08 8.21
CA ILE B 105 -19.62 -1.89 8.83
C ILE B 105 -18.89 -1.00 7.86
N LYS B 106 -18.18 -1.60 6.90
CA LYS B 106 -17.47 -0.81 5.92
C LYS B 106 -18.49 -0.03 5.09
N ALA B 107 -19.51 -0.73 4.61
CA ALA B 107 -20.56 -0.14 3.79
C ALA B 107 -21.43 0.89 4.50
N ALA B 108 -21.67 0.68 5.80
CA ALA B 108 -22.51 1.58 6.56
C ALA B 108 -21.88 2.88 7.06
N LEU B 109 -20.62 2.83 7.49
CA LEU B 109 -19.97 4.03 8.02
C LEU B 109 -19.52 5.07 7.00
N PRO B 110 -19.56 6.35 7.37
CA PRO B 110 -19.15 7.43 6.47
C PRO B 110 -17.64 7.62 6.43
N ILE B 111 -16.94 6.99 7.37
CA ILE B 111 -15.48 7.06 7.40
C ILE B 111 -14.89 5.77 6.86
N PRO B 112 -13.61 5.80 6.45
CA PRO B 112 -12.97 4.59 5.91
C PRO B 112 -12.89 3.48 6.96
N VAL B 113 -13.25 2.26 6.55
CA VAL B 113 -13.24 1.10 7.42
C VAL B 113 -12.27 0.05 6.88
N VAL B 114 -11.29 -0.33 7.69
CA VAL B 114 -10.29 -1.32 7.27
C VAL B 114 -10.33 -2.58 8.12
N GLY B 115 -10.02 -3.72 7.50
CA GLY B 115 -10.00 -4.99 8.18
C GLY B 115 -8.60 -5.57 8.05
N VAL B 116 -8.31 -6.68 8.72
CA VAL B 116 -6.96 -7.23 8.66
C VAL B 116 -6.76 -8.50 7.83
N ILE B 117 -7.79 -8.94 7.12
CA ILE B 117 -7.71 -10.14 6.29
C ILE B 117 -7.06 -9.89 4.93
N LEU B 118 -7.65 -9.01 4.12
CA LEU B 118 -7.13 -8.74 2.79
C LEU B 118 -5.70 -8.23 2.71
N PRO B 119 -5.33 -7.28 3.57
CA PRO B 119 -3.94 -6.82 3.47
C PRO B 119 -2.97 -8.01 3.55
N GLY B 120 -3.35 -8.99 4.36
CA GLY B 120 -2.50 -10.16 4.54
C GLY B 120 -2.57 -11.12 3.38
N ALA B 121 -3.76 -11.29 2.81
CA ALA B 121 -3.91 -12.20 1.68
C ALA B 121 -3.19 -11.61 0.47
N ARG B 122 -3.22 -10.30 0.35
CA ARG B 122 -2.58 -9.61 -0.77
C ARG B 122 -1.07 -9.87 -0.70
N ALA B 123 -0.50 -9.64 0.48
CA ALA B 123 0.94 -9.83 0.68
C ALA B 123 1.36 -11.27 0.43
N ALA B 124 0.57 -12.21 0.95
CA ALA B 124 0.86 -13.64 0.80
C ALA B 124 0.92 -14.01 -0.67
N VAL B 125 -0.14 -13.65 -1.40
CA VAL B 125 -0.24 -13.92 -2.83
C VAL B 125 0.95 -13.35 -3.59
N LYS B 126 1.41 -12.18 -3.17
CA LYS B 126 2.53 -11.53 -3.80
C LYS B 126 3.87 -12.27 -3.59
N VAL B 127 4.07 -12.85 -2.41
CA VAL B 127 5.33 -13.54 -2.11
C VAL B 127 5.45 -15.02 -2.47
N THR B 128 4.33 -15.73 -2.48
CA THR B 128 4.38 -17.16 -2.79
C THR B 128 4.98 -17.43 -4.16
N LYS B 129 5.87 -18.43 -4.24
CA LYS B 129 6.50 -18.81 -5.50
C LYS B 129 6.00 -20.18 -5.96
N ASN B 130 5.51 -21.00 -5.04
CA ASN B 130 5.02 -22.34 -5.40
C ASN B 130 3.50 -22.49 -5.30
N ASN B 131 2.79 -21.37 -5.19
CA ASN B 131 1.33 -21.40 -5.12
C ASN B 131 0.74 -22.22 -3.97
N LYS B 132 1.35 -22.14 -2.81
CA LYS B 132 0.85 -22.90 -1.66
C LYS B 132 0.94 -22.05 -0.40
N ILE B 133 -0.16 -21.37 -0.11
CA ILE B 133 -0.24 -20.51 1.06
C ILE B 133 -0.99 -21.21 2.19
N GLY B 134 -0.46 -21.04 3.40
CA GLY B 134 -1.08 -21.62 4.58
C GLY B 134 -1.63 -20.47 5.39
N VAL B 135 -2.62 -20.75 6.22
CA VAL B 135 -3.22 -19.72 7.06
C VAL B 135 -3.66 -20.33 8.37
N ILE B 136 -3.35 -19.63 9.45
CA ILE B 136 -3.72 -20.08 10.78
C ILE B 136 -4.42 -18.95 11.53
N GLY B 137 -5.34 -19.33 12.41
CA GLY B 137 -6.08 -18.34 13.18
C GLY B 137 -7.01 -19.10 14.12
N THR B 138 -8.08 -18.43 14.55
CA THR B 138 -9.04 -19.02 15.46
C THR B 138 -10.04 -19.85 14.67
N LEU B 139 -10.80 -20.70 15.36
CA LEU B 139 -11.79 -21.54 14.72
C LEU B 139 -12.72 -20.63 13.94
N GLY B 140 -13.08 -19.49 14.55
CA GLY B 140 -13.99 -18.57 13.90
C GLY B 140 -13.45 -18.10 12.56
N THR B 141 -12.23 -17.59 12.59
CA THR B 141 -11.59 -17.10 11.37
C THR B 141 -11.49 -18.18 10.31
N ILE B 142 -10.92 -19.32 10.68
CA ILE B 142 -10.78 -20.42 9.73
C ILE B 142 -12.13 -20.92 9.25
N LYS B 143 -13.09 -21.04 10.17
CA LYS B 143 -14.43 -21.52 9.85
C LYS B 143 -15.17 -20.64 8.82
N SER B 144 -14.83 -19.36 8.76
CA SER B 144 -15.50 -18.47 7.80
C SER B 144 -14.93 -18.61 6.41
N ALA B 145 -13.83 -19.37 6.28
CA ALA B 145 -13.17 -19.56 4.98
C ALA B 145 -12.78 -18.23 4.33
N SER B 146 -12.82 -17.17 5.13
CA SER B 146 -12.51 -15.83 4.65
C SER B 146 -11.19 -15.75 3.89
N TYR B 147 -10.13 -16.37 4.39
CA TYR B 147 -8.86 -16.31 3.70
C TYR B 147 -8.86 -17.09 2.39
N GLU B 148 -9.39 -18.31 2.40
CA GLU B 148 -9.43 -19.10 1.18
C GLU B 148 -10.15 -18.31 0.09
N ILE B 149 -11.25 -17.68 0.49
CA ILE B 149 -12.04 -16.88 -0.42
C ILE B 149 -11.22 -15.72 -0.99
N ALA B 150 -10.56 -14.96 -0.12
CA ALA B 150 -9.76 -13.83 -0.58
C ALA B 150 -8.64 -14.21 -1.55
N ILE B 151 -7.90 -15.26 -1.20
CA ILE B 151 -6.78 -15.72 -2.02
C ILE B 151 -7.19 -16.27 -3.38
N LYS B 152 -8.19 -17.13 -3.41
CA LYS B 152 -8.62 -17.70 -4.68
C LYS B 152 -9.29 -16.72 -5.63
N SER B 153 -9.82 -15.62 -5.08
CA SER B 153 -10.44 -14.58 -5.90
C SER B 153 -9.34 -13.68 -6.46
N LYS B 154 -8.11 -13.94 -6.05
CA LYS B 154 -6.96 -13.17 -6.53
C LYS B 154 -6.14 -14.09 -7.43
N ALA B 155 -5.98 -15.32 -6.98
CA ALA B 155 -5.20 -16.32 -7.72
C ALA B 155 -5.76 -17.73 -7.48
N PRO B 156 -6.69 -18.18 -8.34
CA PRO B 156 -7.33 -19.50 -8.25
C PRO B 156 -6.35 -20.68 -8.20
N ALA B 157 -5.22 -20.52 -8.89
CA ALA B 157 -4.22 -21.57 -8.97
C ALA B 157 -3.54 -21.93 -7.66
N ILE B 158 -3.77 -21.13 -6.62
CA ILE B 158 -3.11 -21.39 -5.35
C ILE B 158 -3.83 -22.37 -4.44
N GLU B 159 -3.09 -23.33 -3.89
CA GLU B 159 -3.69 -24.26 -2.96
C GLU B 159 -3.57 -23.62 -1.59
N VAL B 160 -4.71 -23.34 -0.98
CA VAL B 160 -4.74 -22.72 0.33
C VAL B 160 -5.02 -23.79 1.39
N THR B 161 -4.16 -23.85 2.40
CA THR B 161 -4.35 -24.79 3.50
C THR B 161 -4.64 -23.95 4.73
N SER B 162 -5.83 -24.17 5.31
CA SER B 162 -6.26 -23.41 6.48
C SER B 162 -6.30 -24.27 7.72
N LEU B 163 -5.71 -23.79 8.81
CA LEU B 163 -5.68 -24.54 10.04
C LEU B 163 -6.02 -23.67 11.24
N ALA B 164 -6.90 -24.17 12.11
CA ALA B 164 -7.27 -23.44 13.33
C ALA B 164 -6.30 -23.88 14.42
N CYS B 165 -5.77 -22.92 15.18
CA CYS B 165 -4.82 -23.22 16.25
C CYS B 165 -5.31 -22.56 17.55
N PRO B 166 -6.36 -23.13 18.17
CA PRO B 166 -6.95 -22.61 19.41
C PRO B 166 -6.05 -22.49 20.65
N LYS B 167 -4.96 -23.24 20.69
CA LYS B 167 -4.08 -23.16 21.85
C LYS B 167 -3.18 -21.90 21.85
N PHE B 168 -2.90 -21.38 20.66
CA PHE B 168 -2.03 -20.21 20.52
C PHE B 168 -2.46 -18.98 21.31
N VAL B 169 -3.74 -18.63 21.28
CA VAL B 169 -4.18 -17.47 22.03
C VAL B 169 -3.91 -17.64 23.54
N PRO B 170 -4.45 -18.67 24.16
CA PRO B 170 -4.21 -18.85 25.60
C PRO B 170 -2.71 -18.83 25.90
N ILE B 171 -1.93 -19.44 25.01
CA ILE B 171 -0.48 -19.49 25.18
C ILE B 171 0.09 -18.09 25.21
N VAL B 172 -0.47 -17.20 24.41
CA VAL B 172 0.03 -15.84 24.37
C VAL B 172 -0.53 -15.02 25.52
N GLU B 173 -1.83 -15.16 25.79
CA GLU B 173 -2.44 -14.38 26.86
C GLU B 173 -1.86 -14.68 28.22
N SER B 174 -1.34 -15.89 28.41
CA SER B 174 -0.76 -16.24 29.71
C SER B 174 0.74 -15.95 29.75
N ASN B 175 1.22 -15.18 28.79
CA ASN B 175 2.64 -14.83 28.73
C ASN B 175 3.50 -16.09 28.81
N GLN B 176 3.25 -17.04 27.92
CA GLN B 176 3.99 -18.30 27.92
C GLN B 176 4.53 -18.59 26.51
N TYR B 177 4.60 -17.55 25.69
CA TYR B 177 5.06 -17.68 24.31
C TYR B 177 6.56 -17.75 24.09
N ARG B 178 7.34 -17.81 25.16
CA ARG B 178 8.78 -17.91 25.02
C ARG B 178 9.23 -19.30 25.51
N SER B 179 8.45 -19.85 26.43
CA SER B 179 8.70 -21.16 27.03
C SER B 179 9.03 -22.26 26.04
N SER B 180 9.93 -23.15 26.44
CA SER B 180 10.29 -24.27 25.58
C SER B 180 9.01 -25.06 25.34
N VAL B 181 8.09 -24.98 26.31
CA VAL B 181 6.82 -25.69 26.24
C VAL B 181 5.99 -25.21 25.05
N ALA B 182 5.95 -23.88 24.88
CA ALA B 182 5.22 -23.24 23.80
C ALA B 182 5.71 -23.79 22.46
N LYS B 183 7.02 -24.04 22.37
CA LYS B 183 7.60 -24.56 21.15
C LYS B 183 7.13 -25.98 20.80
N LYS B 184 7.02 -26.83 21.81
CA LYS B 184 6.57 -28.22 21.59
C LYS B 184 5.13 -28.20 21.10
N ILE B 185 4.30 -27.40 21.77
CA ILE B 185 2.89 -27.31 21.40
C ILE B 185 2.77 -26.74 19.97
N VAL B 186 3.42 -25.60 19.72
CA VAL B 186 3.37 -25.00 18.39
C VAL B 186 3.84 -26.03 17.36
N ALA B 187 4.94 -26.71 17.66
CA ALA B 187 5.44 -27.72 16.72
C ALA B 187 4.42 -28.82 16.46
N GLU B 188 3.71 -29.23 17.52
CA GLU B 188 2.69 -30.28 17.40
C GLU B 188 1.47 -29.79 16.61
N THR B 189 0.96 -28.60 16.95
CA THR B 189 -0.19 -28.06 16.24
C THR B 189 0.11 -27.89 14.75
N LEU B 190 1.24 -27.26 14.44
CA LEU B 190 1.66 -26.99 13.06
C LEU B 190 2.19 -28.18 12.28
N GLN B 191 2.04 -29.39 12.83
CA GLN B 191 2.53 -30.58 12.13
C GLN B 191 1.77 -30.81 10.82
N ALA B 192 0.48 -30.52 10.82
CA ALA B 192 -0.32 -30.72 9.61
C ALA B 192 0.29 -29.98 8.41
N LEU B 193 0.52 -28.69 8.56
CA LEU B 193 1.09 -27.86 7.50
C LEU B 193 2.44 -28.34 7.02
N GLN B 194 3.07 -29.18 7.83
CA GLN B 194 4.39 -29.68 7.51
C GLN B 194 4.49 -30.55 6.26
N LEU B 195 3.41 -31.24 5.91
CA LEU B 195 3.43 -32.11 4.75
C LEU B 195 2.79 -31.51 3.52
N LYS B 196 2.45 -30.23 3.55
CA LYS B 196 1.81 -29.63 2.37
C LYS B 196 2.78 -29.10 1.34
N GLY B 197 3.94 -28.62 1.78
CA GLY B 197 4.92 -28.10 0.85
C GLY B 197 4.81 -26.61 0.62
N LEU B 198 4.02 -25.95 1.45
CA LEU B 198 3.80 -24.50 1.33
C LEU B 198 5.05 -23.69 1.66
N ASP B 199 5.14 -22.50 1.06
CA ASP B 199 6.28 -21.61 1.28
C ASP B 199 5.82 -20.30 1.90
N THR B 200 4.51 -20.18 2.10
CA THR B 200 3.96 -18.96 2.68
C THR B 200 2.89 -19.27 3.70
N LEU B 201 3.01 -18.69 4.89
CA LEU B 201 2.03 -18.92 5.94
C LEU B 201 1.60 -17.57 6.52
N ILE B 202 0.29 -17.32 6.49
CA ILE B 202 -0.25 -16.08 7.02
C ILE B 202 -0.63 -16.24 8.48
N LEU B 203 -0.15 -15.31 9.31
CA LEU B 203 -0.45 -15.32 10.74
C LEU B 203 -1.80 -14.62 10.91
N GLY B 204 -2.88 -15.36 10.65
CA GLY B 204 -4.22 -14.80 10.73
C GLY B 204 -4.89 -14.61 12.08
N CYS B 205 -4.16 -14.03 13.03
CA CYS B 205 -4.70 -13.77 14.36
C CYS B 205 -3.79 -12.73 15.05
N THR B 206 -4.41 -11.70 15.63
CA THR B 206 -3.66 -10.63 16.28
C THR B 206 -2.63 -11.12 17.29
N HIS B 207 -2.91 -12.26 17.93
CA HIS B 207 -1.99 -12.79 18.93
C HIS B 207 -0.68 -13.36 18.39
N TYR B 208 -0.78 -14.04 17.24
CA TYR B 208 0.36 -14.72 16.65
C TYR B 208 1.67 -13.96 16.44
N PRO B 209 1.63 -12.64 16.27
CA PRO B 209 2.93 -11.97 16.09
C PRO B 209 3.89 -12.22 17.25
N LEU B 210 3.34 -12.42 18.45
CA LEU B 210 4.18 -12.67 19.61
C LEU B 210 4.75 -14.09 19.59
N LEU B 211 4.24 -14.93 18.69
CA LEU B 211 4.75 -16.30 18.56
C LEU B 211 5.58 -16.44 17.28
N ARG B 212 5.68 -15.35 16.52
CA ARG B 212 6.39 -15.41 15.25
C ARG B 212 7.75 -16.11 15.29
N PRO B 213 8.63 -15.74 16.25
CA PRO B 213 9.94 -16.40 16.30
C PRO B 213 9.83 -17.93 16.38
N VAL B 214 8.98 -18.43 17.27
CA VAL B 214 8.80 -19.88 17.41
C VAL B 214 8.17 -20.49 16.15
N ILE B 215 7.13 -19.83 15.64
CA ILE B 215 6.46 -20.32 14.45
C ILE B 215 7.44 -20.37 13.26
N GLN B 216 8.31 -19.38 13.16
CA GLN B 216 9.30 -19.32 12.08
C GLN B 216 10.24 -20.53 12.14
N ASN B 217 10.78 -20.80 13.32
CA ASN B 217 11.68 -21.93 13.49
C ASN B 217 11.03 -23.26 13.16
N VAL B 218 9.75 -23.39 13.50
CA VAL B 218 9.01 -24.62 13.25
C VAL B 218 8.74 -24.81 11.76
N MET B 219 8.52 -23.71 11.06
CA MET B 219 8.14 -23.76 9.65
C MET B 219 9.36 -23.76 8.74
N GLY B 220 10.47 -23.24 9.25
CA GLY B 220 11.75 -23.37 8.57
C GLY B 220 12.07 -22.16 7.72
N SER B 221 13.26 -22.15 7.13
CA SER B 221 13.72 -21.02 6.33
C SER B 221 13.14 -20.90 4.92
N HIS B 222 12.36 -21.87 4.48
CA HIS B 222 11.75 -21.79 3.16
C HIS B 222 10.44 -21.05 3.25
N VAL B 223 9.94 -20.90 4.48
CA VAL B 223 8.64 -20.28 4.68
C VAL B 223 8.59 -18.82 5.13
N THR B 224 7.84 -18.02 4.38
CA THR B 224 7.66 -16.60 4.68
C THR B 224 6.37 -16.41 5.48
N LEU B 225 6.49 -15.72 6.61
CA LEU B 225 5.33 -15.48 7.45
C LEU B 225 4.77 -14.10 7.19
N ILE B 226 3.45 -14.02 7.03
CA ILE B 226 2.78 -12.76 6.78
C ILE B 226 2.11 -12.27 8.06
N ASP B 227 2.45 -11.06 8.47
CA ASP B 227 1.89 -10.45 9.67
C ASP B 227 0.71 -9.57 9.27
N SER B 228 -0.49 -10.14 9.28
CA SER B 228 -1.68 -9.39 8.90
C SER B 228 -1.76 -8.01 9.57
N GLY B 229 -1.32 -7.93 10.81
CA GLY B 229 -1.36 -6.65 11.51
C GLY B 229 -0.48 -5.61 10.83
N ALA B 230 0.75 -6.02 10.51
CA ALA B 230 1.70 -5.12 9.87
C ALA B 230 1.26 -4.70 8.47
N GLU B 231 0.74 -5.66 7.71
CA GLU B 231 0.28 -5.38 6.35
C GLU B 231 -0.92 -4.42 6.40
N THR B 232 -1.77 -4.56 7.41
CA THR B 232 -2.94 -3.70 7.53
C THR B 232 -2.55 -2.26 7.82
N VAL B 233 -1.57 -2.06 8.70
CA VAL B 233 -1.14 -0.72 9.04
C VAL B 233 -0.49 -0.04 7.85
N GLY B 234 0.16 -0.82 6.99
CA GLY B 234 0.78 -0.24 5.80
C GLY B 234 -0.32 0.29 4.87
N GLU B 235 -1.50 -0.34 4.91
CA GLU B 235 -2.60 0.10 4.07
C GLU B 235 -3.18 1.41 4.62
N VAL B 236 -3.40 1.44 5.92
CA VAL B 236 -3.93 2.64 6.58
C VAL B 236 -3.04 3.81 6.20
N SER B 237 -1.73 3.57 6.16
CA SER B 237 -0.80 4.61 5.80
C SER B 237 -1.08 5.10 4.37
N MET B 238 -1.26 4.18 3.43
CA MET B 238 -1.56 4.58 2.06
C MET B 238 -2.94 5.27 2.04
N LEU B 239 -3.88 4.76 2.81
CA LEU B 239 -5.23 5.34 2.82
C LEU B 239 -5.26 6.74 3.42
N LEU B 240 -4.37 7.01 4.37
CA LEU B 240 -4.31 8.34 4.96
C LEU B 240 -3.95 9.30 3.84
N ASP B 241 -2.94 8.95 3.05
CA ASP B 241 -2.52 9.80 1.96
C ASP B 241 -3.57 9.89 0.85
N TYR B 242 -4.22 8.77 0.54
CA TYR B 242 -5.24 8.79 -0.50
C TYR B 242 -6.38 9.78 -0.19
N PHE B 243 -6.99 9.65 0.99
CA PHE B 243 -8.06 10.55 1.37
C PHE B 243 -7.53 11.87 1.91
N ASP B 244 -6.21 11.98 1.98
CA ASP B 244 -5.58 13.18 2.48
C ASP B 244 -6.20 13.59 3.82
N ILE B 245 -5.99 12.75 4.84
CA ILE B 245 -6.50 13.02 6.18
C ILE B 245 -5.46 12.63 7.23
N ALA B 246 -4.21 12.59 6.82
CA ALA B 246 -3.13 12.25 7.74
C ALA B 246 -2.91 13.39 8.74
N HIS B 247 -2.80 13.03 10.01
CA HIS B 247 -2.50 14.02 11.05
C HIS B 247 -1.21 14.76 10.76
N THR B 248 -1.24 16.09 10.93
CA THR B 248 -0.07 16.92 10.69
C THR B 248 1.14 16.39 11.45
N PRO B 249 2.32 16.57 10.87
CA PRO B 249 3.57 16.16 11.53
C PRO B 249 4.05 17.22 12.52
N GLU B 250 3.19 18.17 12.84
CA GLU B 250 3.55 19.58 12.78
C GLU B 250 3.13 20.32 14.05
N ALA B 251 1.87 20.14 14.43
CA ALA B 251 1.50 19.92 15.82
C ALA B 251 0.00 19.96 16.02
N PRO B 252 -0.44 19.99 17.28
CA PRO B 252 0.06 19.06 18.29
C PRO B 252 -0.98 18.01 18.64
N THR B 253 -0.54 16.96 19.36
CA THR B 253 -1.36 15.77 19.54
C THR B 253 -1.84 15.63 20.97
N GLN B 254 -2.69 14.64 21.22
CA GLN B 254 -3.13 14.32 22.57
C GLN B 254 -2.72 12.92 22.98
N PRO B 255 -3.13 12.51 24.18
CA PRO B 255 -2.94 11.12 24.63
C PRO B 255 -3.75 10.14 23.80
N HIS B 256 -3.20 8.96 23.57
CA HIS B 256 -3.95 7.86 22.97
C HIS B 256 -5.00 7.51 24.04
N GLU B 257 -6.10 6.91 23.62
CA GLU B 257 -7.14 6.54 24.57
C GLU B 257 -7.42 5.04 24.51
N PHE B 258 -7.38 4.39 25.67
CA PHE B 258 -7.64 2.96 25.73
C PHE B 258 -8.91 2.61 26.50
N TYR B 259 -9.83 1.92 25.82
CA TYR B 259 -11.09 1.53 26.43
C TYR B 259 -11.31 0.01 26.41
N THR B 260 -11.95 -0.49 27.46
CA THR B 260 -12.23 -1.90 27.58
C THR B 260 -13.56 -2.16 28.25
N THR B 261 -14.18 -3.30 27.96
CA THR B 261 -15.46 -3.65 28.56
C THR B 261 -15.22 -4.48 29.81
N GLY B 262 -13.96 -4.83 30.06
CA GLY B 262 -13.60 -5.62 31.22
C GLY B 262 -12.71 -4.80 32.13
N SER B 263 -12.16 -5.44 33.16
CA SER B 263 -11.29 -4.75 34.11
C SER B 263 -10.23 -3.88 33.46
N ALA B 264 -10.22 -2.60 33.81
CA ALA B 264 -9.26 -1.64 33.27
C ALA B 264 -7.88 -1.84 33.90
N LYS B 265 -7.86 -2.32 35.14
CA LYS B 265 -6.61 -2.55 35.85
C LYS B 265 -5.81 -3.63 35.15
N MET B 266 -6.41 -4.80 35.01
CA MET B 266 -5.74 -5.92 34.37
C MET B 266 -5.31 -5.55 32.95
N PHE B 267 -6.13 -4.73 32.28
CA PHE B 267 -5.82 -4.29 30.91
C PHE B 267 -4.57 -3.42 30.92
N GLU B 268 -4.56 -2.41 31.79
CA GLU B 268 -3.41 -1.51 31.89
C GLU B 268 -2.12 -2.29 32.12
N GLU B 269 -2.26 -3.53 32.59
CA GLU B 269 -1.10 -4.38 32.83
C GLU B 269 -0.62 -4.95 31.51
N ILE B 270 -1.49 -5.69 30.83
CA ILE B 270 -1.14 -6.28 29.55
C ILE B 270 -0.68 -5.23 28.55
N ALA B 271 -1.20 -4.01 28.68
CA ALA B 271 -0.86 -2.92 27.79
C ALA B 271 0.59 -2.45 27.91
N SER B 272 1.03 -2.16 29.13
CA SER B 272 2.40 -1.70 29.35
C SER B 272 3.36 -2.88 29.18
N SER B 273 2.85 -4.08 29.42
CA SER B 273 3.65 -5.30 29.30
C SER B 273 3.91 -5.68 27.84
N TRP B 274 3.25 -4.98 26.92
CA TRP B 274 3.42 -5.24 25.49
C TRP B 274 3.82 -3.97 24.75
N LEU B 275 3.02 -2.92 24.88
CA LEU B 275 3.31 -1.65 24.23
C LEU B 275 4.53 -1.02 24.88
N GLY B 276 4.94 -1.59 26.01
CA GLY B 276 6.09 -1.05 26.72
C GLY B 276 5.75 0.22 27.49
N ILE B 277 4.95 1.09 26.87
CA ILE B 277 4.55 2.36 27.48
C ILE B 277 4.20 2.22 28.97
N GLU B 278 4.63 3.20 29.76
CA GLU B 278 4.39 3.20 31.20
C GLU B 278 3.21 4.07 31.61
N ASN B 279 2.49 3.62 32.65
CA ASN B 279 1.35 4.35 33.18
C ASN B 279 0.16 4.46 32.22
N LEU B 280 0.10 3.56 31.25
CA LEU B 280 -1.00 3.58 30.30
C LEU B 280 -2.30 3.43 31.08
N LYS B 281 -3.13 4.46 31.02
CA LYS B 281 -4.41 4.46 31.72
C LYS B 281 -5.53 4.03 30.79
N ALA B 282 -6.35 3.09 31.26
CA ALA B 282 -7.47 2.59 30.48
C ALA B 282 -8.77 2.85 31.24
N GLN B 283 -9.89 2.91 30.52
CA GLN B 283 -11.18 3.14 31.14
C GLN B 283 -12.11 2.02 30.77
N GLN B 284 -12.88 1.56 31.74
CA GLN B 284 -13.84 0.48 31.53
C GLN B 284 -15.10 1.18 31.06
N ILE B 285 -15.86 0.53 30.20
CA ILE B 285 -17.09 1.12 29.70
C ILE B 285 -18.12 0.04 29.46
N HIS B 286 -19.36 0.45 29.18
CA HIS B 286 -20.44 -0.50 28.92
C HIS B 286 -20.93 -0.27 27.51
N LEU B 287 -21.09 -1.35 26.75
CA LEU B 287 -21.56 -1.25 25.38
C LEU B 287 -23.05 -1.54 25.29
N GLY B 288 -23.41 -2.82 25.35
CA GLY B 288 -24.81 -3.20 25.27
C GLY B 288 -25.08 -4.57 25.88
N GLY B 289 -24.48 -5.57 25.42
#